data_3QW1
#
_entry.id   3QW1
#
_cell.length_a   48.298
_cell.length_b   61.843
_cell.length_c   70.087
_cell.angle_alpha   90.00
_cell.angle_beta   102.22
_cell.angle_gamma   90.00
#
_symmetry.space_group_name_H-M   'P 1 21 1'
#
loop_
_entity.id
_entity.type
_entity.pdbx_description
1 polymer 'Cytochrome cb562'
2 non-polymer 'ZINC ION'
3 non-polymer 'PROTOPORPHYRIN IX CONTAINING FE'
4 non-polymer 1-methylpyrrolidine-2,5-dione
5 water water
#
_entity_poly.entity_id   1
_entity_poly.type   'polypeptide(L)'
_entity_poly.pdbx_seq_one_letter_code
;ADLEDNMETLNDNLKVIEKADNAAQVKDALTKMAAAAADAWSATPPKLEDKSPDSPEMHDFRHGFWILIGQIHDALHLAN
ECKVKEAQAAAEQLKTTCNACHQKYR
;
_entity_poly.pdbx_strand_id   A,B,C,D
#
loop_
_chem_comp.id
_chem_comp.type
_chem_comp.name
_chem_comp.formula
HEM non-polymer 'PROTOPORPHYRIN IX CONTAINING FE' 'C34 H32 Fe N4 O4'
LCY non-polymer 1-methylpyrrolidine-2,5-dione 'C5 H7 N O2'
ZN non-polymer 'ZINC ION' 'Zn 2'
#
# COMPACT_ATOMS: atom_id res chain seq x y z
N ALA A 1 24.19 -3.47 -3.17
CA ALA A 1 25.33 -4.14 -2.59
C ALA A 1 25.14 -5.58 -2.94
N ASP A 2 25.85 -6.51 -2.36
CA ASP A 2 25.57 -7.87 -2.69
C ASP A 2 24.19 -8.25 -2.14
N LEU A 3 23.41 -8.98 -2.91
CA LEU A 3 22.19 -9.62 -2.44
C LEU A 3 22.43 -10.19 -1.04
N GLU A 4 23.57 -10.86 -0.85
CA GLU A 4 23.95 -11.47 0.43
C GLU A 4 24.07 -10.44 1.56
N ASP A 5 24.70 -9.33 1.30
CA ASP A 5 24.85 -8.30 2.30
C ASP A 5 23.56 -7.68 2.67
N ASN A 6 22.80 -7.37 1.68
CA ASN A 6 21.51 -6.75 1.93
C ASN A 6 20.70 -7.64 2.87
N MET A 7 20.75 -8.94 2.61
CA MET A 7 20.07 -9.91 3.44
C MET A 7 20.63 -9.89 4.86
N GLU A 8 21.93 -9.71 4.96
CA GLU A 8 22.57 -9.59 6.25
C GLU A 8 22.15 -8.27 6.88
N THR A 9 22.09 -7.21 6.07
CA THR A 9 21.60 -5.93 6.58
C THR A 9 20.18 -6.09 7.13
N LEU A 10 19.31 -6.77 6.42
CA LEU A 10 17.93 -6.89 6.89
C LEU A 10 17.86 -7.66 8.14
N ASN A 11 18.61 -8.73 8.17
CA ASN A 11 18.62 -9.66 9.24
C ASN A 11 19.11 -9.02 10.46
N ASP A 12 20.25 -8.38 10.41
CA ASP A 12 20.89 -7.76 11.55
C ASP A 12 20.05 -6.72 12.22
N ASN A 13 19.35 -5.91 11.45
CA ASN A 13 18.50 -4.88 11.98
C ASN A 13 17.22 -5.41 12.45
N LEU A 14 16.84 -6.53 11.92
CA LEU A 14 15.68 -7.20 12.46
C LEU A 14 15.85 -7.51 13.93
N LYS A 15 17.00 -8.02 14.28
CA LYS A 15 17.32 -8.30 15.67
C LYS A 15 17.47 -6.99 16.47
N VAL A 16 18.13 -5.98 15.89
CA VAL A 16 18.21 -4.67 16.55
C VAL A 16 16.80 -4.19 16.97
N ILE A 17 15.82 -4.32 16.10
CA ILE A 17 14.44 -3.98 16.42
C ILE A 17 13.81 -4.89 17.46
N GLU A 18 14.13 -6.17 17.44
CA GLU A 18 13.63 -7.10 18.42
C GLU A 18 14.12 -6.82 19.82
N LYS A 19 15.08 -5.95 19.95
CA LYS A 19 15.94 -5.85 21.12
C LYS A 19 15.82 -4.49 21.67
N ALA A 20 15.36 -3.61 20.82
CA ALA A 20 15.28 -2.15 21.02
C ALA A 20 14.57 -1.71 22.31
N ASP A 21 15.02 -0.58 22.87
CA ASP A 21 14.43 0.02 24.07
C ASP A 21 13.54 1.22 23.75
N ASN A 22 13.85 1.92 22.68
CA ASN A 22 13.12 3.12 22.31
C ASN A 22 12.93 3.32 20.83
N ALA A 23 12.27 4.41 20.47
CA ALA A 23 11.88 4.68 19.09
C ALA A 23 13.06 4.89 18.18
N ALA A 24 14.01 5.71 18.63
CA ALA A 24 15.13 6.10 17.79
C ALA A 24 15.87 4.90 17.20
N GLN A 25 16.14 3.89 18.01
CA GLN A 25 16.78 2.69 17.52
C GLN A 25 15.94 1.97 16.51
N VAL A 26 14.65 1.95 16.71
CA VAL A 26 13.76 1.31 15.74
C VAL A 26 13.74 2.06 14.39
N LYS A 27 13.63 3.37 14.41
CA LYS A 27 13.64 4.15 13.21
C LYS A 27 14.88 3.97 12.39
N ASP A 28 16.03 4.10 13.02
CA ASP A 28 17.33 3.96 12.39
C ASP A 28 17.46 2.58 11.75
N ALA A 29 17.01 1.57 12.49
CA ALA A 29 17.05 0.20 11.99
C ALA A 29 16.17 0.02 10.75
N LEU A 30 14.93 0.50 10.82
CA LEU A 30 13.99 0.36 9.73
C LEU A 30 14.51 1.01 8.48
N THR A 31 15.14 2.12 8.66
CA THR A 31 15.60 2.93 7.56
C THR A 31 16.68 2.17 6.82
N LYS A 32 17.48 1.43 7.57
CA LYS A 32 18.53 0.60 7.01
C LYS A 32 17.94 -0.53 6.27
N MET A 33 17.02 -1.23 6.86
CA MET A 33 16.26 -2.20 6.13
C MET A 33 15.66 -1.66 4.83
N ALA A 34 15.13 -0.47 4.81
CA ALA A 34 14.58 0.12 3.61
C ALA A 34 15.65 0.22 2.51
N ALA A 35 16.82 0.76 2.86
CA ALA A 35 17.95 0.86 1.93
C ALA A 35 18.31 -0.48 1.35
N ALA A 36 18.42 -1.50 2.21
CA ALA A 36 18.84 -2.83 1.77
C ALA A 36 17.79 -3.47 0.89
N ALA A 37 16.52 -3.38 1.30
CA ALA A 37 15.44 -3.94 0.50
C ALA A 37 15.39 -3.30 -0.90
N ALA A 38 15.47 -1.96 -0.96
CA ALA A 38 15.41 -1.25 -2.25
C ALA A 38 16.58 -1.60 -3.16
N ASP A 39 17.78 -1.56 -2.57
CA ASP A 39 19.02 -1.91 -3.23
C ASP A 39 19.00 -3.35 -3.74
N ALA A 40 18.32 -4.25 -3.04
CA ALA A 40 18.28 -5.65 -3.45
C ALA A 40 17.33 -5.89 -4.60
N TRP A 41 16.45 -4.97 -4.92
CA TRP A 41 15.47 -5.12 -5.98
C TRP A 41 15.95 -5.69 -7.29
N SER A 42 17.15 -5.33 -7.69
CA SER A 42 17.67 -5.70 -8.99
C SER A 42 18.50 -6.94 -8.97
N ALA A 43 18.74 -7.49 -7.81
CA ALA A 43 19.58 -8.68 -7.72
C ALA A 43 18.89 -9.87 -8.37
N THR A 44 19.68 -10.76 -8.95
CA THR A 44 19.18 -12.00 -9.51
C THR A 44 19.69 -13.06 -8.63
N PRO A 45 18.79 -13.77 -7.95
CA PRO A 45 19.19 -14.77 -6.98
C PRO A 45 19.84 -15.97 -7.63
N PRO A 46 20.52 -16.77 -6.84
CA PRO A 46 21.38 -17.79 -7.38
C PRO A 46 20.61 -18.92 -8.02
N LYS A 47 19.46 -19.24 -7.46
CA LYS A 47 18.59 -20.25 -7.98
C LYS A 47 17.96 -19.88 -9.30
N LEU A 48 18.04 -18.62 -9.66
CA LEU A 48 17.44 -18.20 -10.91
C LEU A 48 18.34 -17.59 -11.98
N GLU A 49 19.64 -17.77 -11.89
CA GLU A 49 20.52 -17.08 -12.79
C GLU A 49 20.28 -17.50 -14.22
N ASP A 50 19.91 -18.73 -14.44
CA ASP A 50 19.60 -19.04 -15.79
C ASP A 50 18.38 -18.31 -16.26
N LYS A 51 17.35 -18.23 -15.45
CA LYS A 51 16.05 -17.80 -15.91
C LYS A 51 15.88 -16.30 -16.16
N SER A 52 15.51 -15.87 -17.40
CA SER A 52 15.63 -14.40 -17.79
C SER A 52 15.24 -13.16 -16.85
N PRO A 53 15.75 -11.95 -16.90
CA PRO A 53 15.19 -11.00 -15.91
C PRO A 53 13.65 -10.71 -15.99
N ASP A 54 13.02 -11.01 -17.14
CA ASP A 54 11.62 -10.74 -17.36
C ASP A 54 10.72 -11.98 -17.16
N SER A 55 11.33 -13.04 -16.68
CA SER A 55 10.74 -14.34 -16.55
C SER A 55 9.68 -14.20 -15.54
N PRO A 56 8.82 -15.19 -15.41
CA PRO A 56 7.85 -15.29 -14.33
C PRO A 56 8.37 -15.45 -12.90
N GLU A 57 9.40 -16.23 -12.65
CA GLU A 57 9.96 -16.24 -11.30
C GLU A 57 10.60 -14.96 -10.96
N MET A 58 11.27 -14.35 -11.88
CA MET A 58 11.79 -13.09 -11.53
C MET A 58 10.70 -12.13 -11.18
N HIS A 59 9.61 -12.09 -11.90
CA HIS A 59 8.62 -11.14 -11.46
C HIS A 59 8.13 -11.50 -10.06
N ASP A 60 7.87 -12.76 -9.82
CA ASP A 60 7.44 -13.16 -8.49
C ASP A 60 8.53 -12.94 -7.43
N PHE A 61 9.79 -13.09 -7.82
CA PHE A 61 10.89 -12.80 -6.92
C PHE A 61 10.78 -11.36 -6.46
N ARG A 62 10.73 -10.42 -7.41
CA ARG A 62 10.59 -8.97 -7.23
C ARG A 62 9.32 -8.52 -6.52
N HIS A 63 8.23 -9.18 -6.79
CA HIS A 63 7.00 -8.91 -6.08
C HIS A 63 7.17 -8.97 -4.57
N GLY A 64 7.97 -9.93 -4.10
CA GLY A 64 8.19 -10.19 -2.69
C GLY A 64 8.85 -9.01 -2.05
N PHE A 65 9.70 -8.35 -2.77
CA PHE A 65 10.27 -7.14 -2.32
C PHE A 65 9.37 -5.96 -2.24
N TRP A 66 8.41 -5.90 -3.11
CA TRP A 66 7.41 -4.90 -3.05
C TRP A 66 6.66 -5.02 -1.80
N ILE A 67 6.39 -6.21 -1.34
CA ILE A 67 5.73 -6.48 -0.09
C ILE A 67 6.54 -6.13 1.12
N LEU A 68 7.80 -6.41 1.07
CA LEU A 68 8.72 -6.02 2.15
C LEU A 68 8.80 -4.50 2.28
N ILE A 69 8.97 -3.84 1.15
CA ILE A 69 9.12 -2.42 1.12
C ILE A 69 7.88 -1.75 1.78
N GLY A 70 6.69 -2.11 1.30
CA GLY A 70 5.41 -1.67 1.89
C GLY A 70 5.27 -1.92 3.40
N GLN A 71 5.70 -3.08 3.85
CA GLN A 71 5.65 -3.38 5.27
C GLN A 71 6.65 -2.55 6.07
N ILE A 72 7.80 -2.24 5.48
CA ILE A 72 8.80 -1.45 6.19
C ILE A 72 8.30 -0.02 6.30
N HIS A 73 7.73 0.45 5.21
CA HIS A 73 7.14 1.77 5.12
C HIS A 73 6.18 1.96 6.30
N ASP A 74 5.22 1.07 6.44
CA ASP A 74 4.24 1.25 7.47
C ASP A 74 4.82 1.16 8.88
N ALA A 75 5.68 0.19 9.12
CA ALA A 75 6.34 0.12 10.41
C ALA A 75 7.08 1.42 10.74
N LEU A 76 7.75 2.03 9.79
CA LEU A 76 8.41 3.25 10.11
C LEU A 76 7.45 4.29 10.51
N HIS A 77 6.28 4.37 9.89
CA HIS A 77 5.27 5.30 10.34
C HIS A 77 4.97 5.06 11.82
N LEU A 78 4.77 3.81 12.23
CA LEU A 78 4.45 3.51 13.60
C LEU A 78 5.54 3.86 14.52
N ALA A 79 6.74 3.67 14.07
CA ALA A 79 7.86 4.08 14.88
C ALA A 79 7.88 5.58 15.01
N ASN A 80 7.64 6.28 13.95
CA ASN A 80 7.70 7.69 14.00
C ASN A 80 6.65 8.21 14.88
N GLU A 81 5.57 7.46 15.01
CA GLU A 81 4.46 7.82 15.88
C GLU A 81 4.76 7.42 17.35
N CYS A 82 6.01 7.05 17.61
CA CYS A 82 6.50 6.55 18.91
C CYS A 82 5.77 5.34 19.43
N LYS A 83 5.03 4.66 18.54
CA LYS A 83 4.28 3.45 18.88
C LYS A 83 5.21 2.24 18.76
N VAL A 84 6.14 2.15 19.65
CA VAL A 84 7.22 1.23 19.50
C VAL A 84 6.93 -0.22 19.45
N LYS A 85 6.03 -0.59 20.32
CA LYS A 85 5.63 -1.94 20.52
C LYS A 85 4.94 -2.44 19.33
N GLU A 86 4.12 -1.57 18.80
CA GLU A 86 3.39 -1.78 17.56
C GLU A 86 4.24 -1.89 16.33
N ALA A 87 5.25 -1.08 16.30
CA ALA A 87 6.29 -1.11 15.27
C ALA A 87 7.02 -2.45 15.38
N GLN A 88 7.39 -2.85 16.58
CA GLN A 88 8.07 -4.09 16.80
C GLN A 88 7.29 -5.30 16.44
N ALA A 89 5.97 -5.25 16.56
CA ALA A 89 5.08 -6.32 16.12
C ALA A 89 4.97 -6.36 14.59
N ALA A 90 4.92 -5.18 13.96
CA ALA A 90 4.82 -5.07 12.51
C ALA A 90 6.07 -5.66 11.87
N ALA A 91 7.17 -5.56 12.62
CA ALA A 91 8.43 -6.15 12.22
C ALA A 91 8.33 -7.66 12.32
N GLU A 92 7.86 -8.16 13.42
CA GLU A 92 7.69 -9.56 13.57
C GLU A 92 6.78 -10.18 12.51
N GLN A 93 5.75 -9.47 12.11
CA GLN A 93 4.87 -9.90 11.09
C GLN A 93 5.54 -10.03 9.75
N LEU A 94 6.54 -9.19 9.54
CA LEU A 94 7.22 -9.11 8.26
C LEU A 94 7.85 -10.42 7.99
N LYS A 95 8.35 -11.00 9.06
CA LYS A 95 9.16 -12.23 8.93
C LYS A 95 8.57 -13.24 7.96
N THR A 96 7.24 -13.23 7.84
CA THR A 96 6.57 -14.15 6.93
C THR A 96 7.08 -13.90 5.54
N THR A 97 7.17 -12.63 5.15
CA THR A 97 7.61 -12.22 3.81
C THR A 97 9.01 -12.75 3.52
N CYS A 98 9.93 -12.50 4.44
CA CYS A 98 11.24 -13.10 4.43
C CYS A 98 11.14 -14.63 4.22
N ASN A 99 10.21 -15.29 4.85
CA ASN A 99 10.16 -16.71 4.85
C ASN A 99 9.49 -17.30 3.62
N ALA A 100 8.50 -16.61 3.07
CA ALA A 100 7.79 -17.01 1.83
C ALA A 100 8.75 -16.99 0.65
N CYS A 101 9.61 -15.98 0.62
CA CYS A 101 10.57 -15.85 -0.47
C CYS A 101 11.77 -16.78 -0.28
N HIS A 102 12.12 -17.08 0.96
CA HIS A 102 13.22 -18.00 1.26
C HIS A 102 12.86 -19.43 0.88
N GLN A 103 11.69 -19.89 1.36
CA GLN A 103 11.15 -21.21 0.99
C GLN A 103 11.24 -21.43 -0.51
N LYS A 104 10.93 -20.40 -1.29
CA LYS A 104 10.72 -20.51 -2.75
C LYS A 104 11.96 -20.32 -3.60
N TYR A 105 12.78 -19.30 -3.33
CA TYR A 105 13.86 -18.98 -4.26
C TYR A 105 15.22 -19.12 -3.65
N ARG A 106 15.25 -19.89 -2.60
CA ARG A 106 16.42 -19.97 -1.78
C ARG A 106 16.85 -21.38 -1.56
N ALA B 1 -23.27 -5.71 8.44
CA ALA B 1 -23.40 -6.71 9.46
C ALA B 1 -22.73 -6.24 10.70
N ASP B 2 -22.91 -6.97 11.80
CA ASP B 2 -22.28 -6.54 13.01
C ASP B 2 -20.92 -7.14 12.96
N LEU B 3 -20.01 -6.63 13.78
CA LEU B 3 -18.63 -7.04 13.77
C LEU B 3 -18.54 -8.51 13.78
N GLU B 4 -19.48 -9.15 14.47
CA GLU B 4 -19.41 -10.61 14.59
C GLU B 4 -19.62 -11.31 13.25
N ASP B 5 -20.61 -10.82 12.52
CA ASP B 5 -21.02 -11.35 11.22
C ASP B 5 -19.98 -11.16 10.13
N ASN B 6 -19.34 -10.00 10.16
CA ASN B 6 -18.21 -9.76 9.27
C ASN B 6 -17.01 -10.65 9.60
N MET B 7 -16.74 -10.84 10.90
CA MET B 7 -15.66 -11.72 11.34
C MET B 7 -15.90 -13.16 10.91
N GLU B 8 -17.15 -13.58 10.95
CA GLU B 8 -17.52 -14.90 10.43
C GLU B 8 -17.34 -14.92 8.92
N THR B 9 -17.80 -13.86 8.23
CA THR B 9 -17.59 -13.77 6.80
C THR B 9 -16.11 -13.93 6.52
N LEU B 10 -15.28 -13.22 7.28
CA LEU B 10 -13.84 -13.25 7.03
C LEU B 10 -13.31 -14.64 7.25
N ASN B 11 -13.80 -15.28 8.28
CA ASN B 11 -13.24 -16.50 8.74
C ASN B 11 -13.56 -17.63 7.81
N ASP B 12 -14.77 -17.57 7.31
CA ASP B 12 -15.32 -18.63 6.50
C ASP B 12 -14.67 -18.62 5.14
N ASN B 13 -14.58 -17.43 4.57
CA ASN B 13 -13.92 -17.21 3.30
C ASN B 13 -12.46 -17.54 3.31
N LEU B 14 -11.83 -17.43 4.43
CA LEU B 14 -10.47 -17.81 4.56
C LEU B 14 -10.24 -19.33 4.47
N LYS B 15 -11.15 -20.12 4.99
CA LYS B 15 -11.07 -21.57 4.81
C LYS B 15 -11.38 -21.95 3.38
N VAL B 16 -12.34 -21.24 2.80
CA VAL B 16 -12.73 -21.46 1.43
C VAL B 16 -11.51 -21.20 0.57
N ILE B 17 -10.72 -20.19 0.92
CA ILE B 17 -9.57 -19.94 0.10
C ILE B 17 -8.69 -21.11 0.32
N GLU B 18 -8.53 -21.44 1.57
CA GLU B 18 -7.73 -22.56 2.03
C GLU B 18 -7.90 -23.90 1.32
N LYS B 19 -9.12 -24.27 1.02
CA LYS B 19 -9.50 -25.52 0.36
C LYS B 19 -9.63 -25.42 -1.16
N ALA B 20 -9.50 -24.21 -1.71
CA ALA B 20 -9.79 -23.93 -3.12
C ALA B 20 -8.98 -24.74 -4.13
N ASP B 21 -9.45 -24.80 -5.34
CA ASP B 21 -8.79 -25.60 -6.33
C ASP B 21 -8.48 -24.78 -7.51
N ASN B 22 -9.29 -23.75 -7.73
CA ASN B 22 -9.20 -22.86 -8.89
C ASN B 22 -9.34 -21.37 -8.57
N ALA B 23 -8.89 -20.50 -9.47
CA ALA B 23 -8.86 -19.07 -9.27
C ALA B 23 -10.21 -18.48 -8.92
N ALA B 24 -11.23 -18.87 -9.68
CA ALA B 24 -12.58 -18.36 -9.50
C ALA B 24 -13.02 -18.41 -8.04
N GLN B 25 -12.81 -19.61 -7.39
CA GLN B 25 -13.22 -19.71 -5.99
C GLN B 25 -12.39 -18.75 -5.15
N VAL B 26 -11.18 -18.50 -5.41
CA VAL B 26 -10.36 -17.59 -4.60
C VAL B 26 -10.77 -16.13 -4.78
N LYS B 27 -11.05 -15.72 -5.99
CA LYS B 27 -11.47 -14.40 -6.18
C LYS B 27 -12.77 -14.13 -5.54
N ASP B 28 -13.76 -14.97 -5.73
CA ASP B 28 -15.09 -14.75 -5.16
C ASP B 28 -14.97 -14.60 -3.66
N ALA B 29 -14.15 -15.48 -3.04
CA ALA B 29 -13.92 -15.47 -1.60
C ALA B 29 -13.24 -14.19 -1.10
N LEU B 30 -12.24 -13.71 -1.82
CA LEU B 30 -11.50 -12.53 -1.39
C LEU B 30 -12.40 -11.29 -1.48
N THR B 31 -13.23 -11.28 -2.51
CA THR B 31 -14.17 -10.17 -2.72
C THR B 31 -15.15 -10.09 -1.54
N LYS B 32 -15.58 -11.21 -1.05
CA LYS B 32 -16.37 -11.24 0.13
C LYS B 32 -15.62 -10.74 1.34
N MET B 33 -14.37 -11.11 1.45
CA MET B 33 -13.58 -10.65 2.57
C MET B 33 -13.43 -9.14 2.53
N ALA B 34 -13.30 -8.63 1.31
CA ALA B 34 -13.23 -7.20 1.10
C ALA B 34 -14.47 -6.52 1.65
N ALA B 35 -15.64 -6.96 1.23
CA ALA B 35 -16.88 -6.35 1.70
C ALA B 35 -16.94 -6.40 3.21
N ALA B 36 -16.58 -7.53 3.81
CA ALA B 36 -16.73 -7.67 5.24
C ALA B 36 -15.72 -6.82 5.99
N ALA B 37 -14.50 -6.74 5.47
CA ALA B 37 -13.51 -5.89 6.10
C ALA B 37 -13.94 -4.42 6.02
N ALA B 38 -14.37 -3.96 4.84
CA ALA B 38 -14.77 -2.55 4.69
C ALA B 38 -15.99 -2.21 5.55
N ASP B 39 -16.97 -3.10 5.53
CA ASP B 39 -18.16 -2.92 6.31
C ASP B 39 -17.89 -2.93 7.83
N ALA B 40 -16.82 -3.61 8.27
CA ALA B 40 -16.44 -3.63 9.68
C ALA B 40 -15.78 -2.35 10.14
N TRP B 41 -15.31 -1.53 9.21
CA TRP B 41 -14.51 -0.32 9.47
C TRP B 41 -15.07 0.52 10.52
N SER B 42 -16.36 0.55 10.61
CA SER B 42 -17.07 1.46 11.47
C SER B 42 -17.41 0.93 12.83
N ALA B 43 -17.29 -0.37 13.02
CA ALA B 43 -17.72 -1.08 14.23
C ALA B 43 -16.87 -0.69 15.43
N THR B 44 -17.45 -0.68 16.62
CA THR B 44 -16.65 -0.43 17.80
C THR B 44 -16.54 -1.79 18.39
N PRO B 45 -15.39 -2.21 18.91
CA PRO B 45 -15.32 -3.55 19.51
C PRO B 45 -15.91 -3.47 20.86
N PRO B 46 -16.07 -4.54 21.59
CA PRO B 46 -16.79 -4.47 22.85
C PRO B 46 -15.93 -4.05 24.03
N LYS B 47 -14.66 -4.38 23.99
CA LYS B 47 -13.72 -3.94 24.99
C LYS B 47 -13.40 -2.45 24.85
N LEU B 48 -13.96 -1.83 23.83
CA LEU B 48 -13.79 -0.41 23.67
C LEU B 48 -15.14 0.24 23.80
N GLU B 49 -16.10 -0.38 24.46
CA GLU B 49 -17.48 0.09 24.37
C GLU B 49 -17.63 1.56 24.74
N ASP B 50 -16.87 1.97 25.75
CA ASP B 50 -16.85 3.34 26.23
C ASP B 50 -16.06 4.35 25.47
N LYS B 51 -14.92 3.91 24.99
CA LYS B 51 -13.89 4.78 24.47
C LYS B 51 -14.31 5.52 23.26
N SER B 52 -14.23 6.84 23.19
CA SER B 52 -14.84 7.57 22.05
C SER B 52 -14.25 7.25 20.71
N PRO B 53 -15.06 7.26 19.66
CA PRO B 53 -14.55 6.85 18.36
C PRO B 53 -13.79 8.01 17.72
N ASP B 54 -12.87 8.59 18.49
CA ASP B 54 -11.80 9.47 18.09
C ASP B 54 -10.72 9.38 19.11
N SER B 55 -10.80 8.34 19.92
CA SER B 55 -9.81 8.10 20.92
C SER B 55 -8.62 7.75 20.10
N PRO B 56 -7.40 7.59 20.64
CA PRO B 56 -6.40 7.10 19.67
C PRO B 56 -6.55 5.60 19.73
N GLU B 57 -7.27 5.17 20.77
CA GLU B 57 -7.55 3.76 20.91
C GLU B 57 -8.47 3.26 19.78
N MET B 58 -9.46 4.05 19.32
CA MET B 58 -10.16 3.68 18.12
C MET B 58 -9.27 3.74 16.91
N HIS B 59 -8.37 4.69 16.87
CA HIS B 59 -7.58 4.88 15.67
C HIS B 59 -6.73 3.66 15.37
N ASP B 60 -6.14 3.11 16.41
CA ASP B 60 -5.40 1.88 16.37
C ASP B 60 -6.21 0.66 16.08
N PHE B 61 -7.42 0.59 16.54
CA PHE B 61 -8.24 -0.51 16.16
C PHE B 61 -8.50 -0.50 14.65
N ARG B 62 -8.84 0.64 14.09
CA ARG B 62 -9.09 0.64 12.69
C ARG B 62 -7.88 0.42 11.84
N HIS B 63 -6.72 1.02 12.31
CA HIS B 63 -5.48 0.88 11.54
C HIS B 63 -5.34 -0.54 11.02
N GLY B 64 -5.65 -1.49 11.89
CA GLY B 64 -5.54 -2.92 11.58
C GLY B 64 -6.39 -3.32 10.40
N PHE B 65 -7.49 -2.60 10.19
CA PHE B 65 -8.33 -2.87 9.07
C PHE B 65 -7.77 -2.28 7.77
N TRP B 66 -7.02 -1.21 7.85
CA TRP B 66 -6.29 -0.69 6.71
C TRP B 66 -5.27 -1.67 6.24
N ILE B 67 -4.71 -2.38 7.15
CA ILE B 67 -3.72 -3.41 6.84
C ILE B 67 -4.39 -4.61 6.18
N LEU B 68 -5.52 -5.03 6.74
CA LEU B 68 -6.23 -6.14 6.16
C LEU B 68 -6.72 -5.81 4.74
N ILE B 69 -7.33 -4.65 4.58
CA ILE B 69 -7.88 -4.22 3.29
C ILE B 69 -6.78 -4.29 2.25
N GLY B 70 -5.65 -3.65 2.53
CA GLY B 70 -4.49 -3.68 1.66
C GLY B 70 -3.98 -5.08 1.28
N GLN B 71 -3.91 -5.97 2.26
CA GLN B 71 -3.47 -7.34 1.97
C GLN B 71 -4.50 -8.08 1.15
N ILE B 72 -5.79 -7.74 1.29
CA ILE B 72 -6.82 -8.40 0.50
C ILE B 72 -6.74 -7.92 -0.93
N HIS B 73 -6.55 -6.62 -1.10
CA HIS B 73 -6.49 -6.00 -2.44
C HIS B 73 -5.43 -6.73 -3.18
N ASP B 74 -4.30 -6.88 -2.55
CA ASP B 74 -3.28 -7.56 -3.30
C ASP B 74 -3.53 -9.03 -3.65
N ALA B 75 -4.00 -9.80 -2.68
CA ALA B 75 -4.17 -11.16 -2.92
C ALA B 75 -5.19 -11.27 -4.03
N LEU B 76 -6.04 -10.27 -4.22
CA LEU B 76 -6.93 -10.33 -5.35
C LEU B 76 -6.22 -10.11 -6.62
N HIS B 77 -5.28 -9.23 -6.61
CA HIS B 77 -4.48 -9.07 -7.83
C HIS B 77 -3.83 -10.38 -8.20
N LEU B 78 -3.21 -11.03 -7.22
CA LEU B 78 -2.55 -12.30 -7.48
C LEU B 78 -3.52 -13.32 -8.05
N ALA B 79 -4.74 -13.34 -7.52
CA ALA B 79 -5.74 -14.27 -7.96
C ALA B 79 -6.17 -13.92 -9.37
N ASN B 80 -6.47 -12.64 -9.60
CA ASN B 80 -6.79 -12.17 -10.94
C ASN B 80 -5.69 -12.44 -11.96
N GLU B 81 -4.46 -12.60 -11.50
CA GLU B 81 -3.38 -13.04 -12.38
C GLU B 81 -3.28 -14.57 -12.50
N CYS B 82 -4.29 -15.29 -11.99
CA CYS B 82 -4.29 -16.76 -11.96
C CYS B 82 -3.10 -17.38 -11.26
N LYS B 83 -2.41 -16.55 -10.50
CA LYS B 83 -1.37 -17.01 -9.63
C LYS B 83 -1.99 -17.44 -8.32
N VAL B 84 -2.64 -18.60 -8.34
CA VAL B 84 -3.35 -19.21 -7.25
C VAL B 84 -2.64 -19.66 -5.99
N LYS B 85 -1.51 -20.33 -6.07
CA LYS B 85 -0.73 -20.69 -4.88
C LYS B 85 -0.19 -19.48 -4.16
N GLU B 86 0.23 -18.50 -4.93
CA GLU B 86 0.72 -17.21 -4.47
C GLU B 86 -0.35 -16.38 -3.77
N ALA B 87 -1.55 -16.42 -4.29
CA ALA B 87 -2.73 -15.82 -3.68
C ALA B 87 -3.03 -16.52 -2.37
N GLN B 88 -3.02 -17.84 -2.38
CA GLN B 88 -3.32 -18.57 -1.22
C GLN B 88 -2.31 -18.28 -0.14
N ALA B 89 -1.03 -18.15 -0.48
CA ALA B 89 0.00 -17.87 0.52
C ALA B 89 -0.21 -16.48 1.11
N ALA B 90 -0.54 -15.52 0.25
CA ALA B 90 -0.82 -14.14 0.68
C ALA B 90 -1.98 -14.10 1.69
N ALA B 91 -2.97 -14.94 1.54
CA ALA B 91 -3.97 -15.10 2.59
C ALA B 91 -3.44 -15.73 3.88
N GLU B 92 -2.57 -16.58 3.86
CA GLU B 92 -2.16 -17.23 5.05
C GLU B 92 -1.38 -16.22 5.83
N GLN B 93 -0.49 -15.51 5.15
CA GLN B 93 0.32 -14.47 5.77
C GLN B 93 -0.51 -13.37 6.41
N LEU B 94 -1.63 -13.02 5.79
CA LEU B 94 -2.39 -11.90 6.23
C LEU B 94 -3.11 -12.13 7.58
N LYS B 95 -3.15 -13.38 8.04
CA LYS B 95 -3.72 -13.78 9.31
C LYS B 95 -3.02 -13.10 10.49
N THR B 96 -1.72 -12.86 10.36
CA THR B 96 -0.94 -12.28 11.34
C THR B 96 -1.74 -11.04 11.74
N THR B 97 -2.38 -10.42 10.77
CA THR B 97 -3.17 -9.22 10.97
C THR B 97 -4.40 -9.53 11.83
N CYS B 98 -5.13 -10.59 11.45
CA CYS B 98 -6.22 -11.12 12.24
C CYS B 98 -5.76 -11.34 13.68
N ASN B 99 -4.64 -12.05 13.79
CA ASN B 99 -4.04 -12.48 15.03
C ASN B 99 -3.56 -11.39 15.87
N ALA B 100 -2.97 -10.36 15.28
CA ALA B 100 -2.54 -9.18 16.03
C ALA B 100 -3.65 -8.34 16.68
N CYS B 101 -4.70 -8.13 15.95
CA CYS B 101 -5.83 -7.36 16.38
C CYS B 101 -6.71 -8.16 17.36
N HIS B 102 -6.71 -9.48 17.25
CA HIS B 102 -7.42 -10.30 18.21
C HIS B 102 -6.73 -10.27 19.58
N GLN B 103 -5.44 -10.33 19.56
CA GLN B 103 -4.64 -10.29 20.74
C GLN B 103 -4.79 -9.07 21.54
N LYS B 104 -4.91 -7.93 20.89
CA LYS B 104 -5.05 -6.69 21.56
C LYS B 104 -6.41 -6.33 21.95
N TYR B 105 -7.38 -6.52 21.07
CA TYR B 105 -8.72 -5.96 21.26
C TYR B 105 -9.81 -6.91 21.59
N ARG B 106 -9.41 -8.11 21.88
CA ARG B 106 -10.42 -9.08 22.00
C ARG B 106 -10.59 -9.74 23.31
N ALA C 1 -24.29 4.34 5.11
CA ALA C 1 -24.94 5.56 4.59
C ALA C 1 -24.93 5.61 3.07
N ASP C 2 -25.44 6.68 2.53
CA ASP C 2 -25.64 6.92 1.14
C ASP C 2 -24.36 7.13 0.33
N LEU C 3 -24.29 6.68 -0.93
CA LEU C 3 -23.12 6.97 -1.70
C LEU C 3 -22.97 8.42 -1.86
N GLU C 4 -24.09 9.09 -2.09
CA GLU C 4 -24.12 10.56 -2.22
C GLU C 4 -23.57 11.26 -0.96
N ASP C 5 -24.13 10.69 0.19
CA ASP C 5 -23.75 11.33 1.44
C ASP C 5 -22.28 11.10 1.77
N ASN C 6 -21.68 10.04 1.47
CA ASN C 6 -20.29 9.70 1.64
C ASN C 6 -19.43 10.57 0.76
N MET C 7 -19.88 10.76 -0.47
CA MET C 7 -19.20 11.67 -1.39
C MET C 7 -19.18 13.09 -0.85
N GLU C 8 -20.26 13.49 -0.25
CA GLU C 8 -20.30 14.72 0.36
C GLU C 8 -19.37 14.75 1.47
N THR C 9 -19.33 13.69 2.24
CA THR C 9 -18.46 13.64 3.40
C THR C 9 -17.05 13.71 3.02
N LEU C 10 -16.69 13.10 1.91
CA LEU C 10 -15.34 13.11 1.44
C LEU C 10 -14.94 14.45 1.00
N ASN C 11 -15.81 15.08 0.27
CA ASN C 11 -15.54 16.39 -0.21
C ASN C 11 -15.48 17.45 0.86
N ASP C 12 -16.37 17.40 1.82
CA ASP C 12 -16.46 18.44 2.81
C ASP C 12 -15.23 18.50 3.61
N ASN C 13 -14.74 17.32 3.90
CA ASN C 13 -13.55 17.10 4.70
C ASN C 13 -12.30 17.40 3.92
N LEU C 14 -12.36 17.17 2.64
CA LEU C 14 -11.27 17.46 1.77
C LEU C 14 -10.97 18.90 1.81
N LYS C 15 -11.99 19.71 1.81
CA LYS C 15 -11.85 21.11 1.92
C LYS C 15 -11.38 21.57 3.27
N VAL C 16 -11.84 20.90 4.31
CA VAL C 16 -11.45 21.24 5.66
C VAL C 16 -9.97 21.05 5.80
N ILE C 17 -9.41 20.08 5.16
CA ILE C 17 -7.97 19.94 5.08
C ILE C 17 -7.40 21.09 4.30
N GLU C 18 -8.07 21.53 3.27
CA GLU C 18 -7.49 22.59 2.51
C GLU C 18 -7.31 23.82 3.35
N LYS C 19 -8.24 24.10 4.23
CA LYS C 19 -8.18 25.28 5.09
C LYS C 19 -7.64 25.08 6.50
N ALA C 20 -6.91 24.02 6.69
CA ALA C 20 -6.32 23.69 7.96
C ALA C 20 -5.22 24.58 8.51
N ASP C 21 -5.27 24.76 9.82
CA ASP C 21 -4.27 25.41 10.53
C ASP C 21 -3.42 24.35 11.21
N ASN C 22 -4.04 23.35 11.80
CA ASN C 22 -3.24 22.39 12.49
C ASN C 22 -3.56 20.99 12.21
N ALA C 23 -2.71 20.12 12.71
CA ALA C 23 -2.81 18.70 12.47
C ALA C 23 -4.09 18.16 12.98
N ALA C 24 -4.57 18.67 14.07
CA ALA C 24 -5.75 18.11 14.61
C ALA C 24 -6.94 18.27 13.70
N GLN C 25 -7.06 19.38 13.03
CA GLN C 25 -8.11 19.53 12.08
C GLN C 25 -7.93 18.51 10.97
N VAL C 26 -6.69 18.21 10.65
CA VAL C 26 -6.38 17.27 9.57
C VAL C 26 -6.65 15.80 9.93
N LYS C 27 -6.24 15.42 11.12
CA LYS C 27 -6.50 14.10 11.57
C LYS C 27 -7.96 13.85 11.66
N ASP C 28 -8.71 14.76 12.24
CA ASP C 28 -10.10 14.45 12.38
C ASP C 28 -10.74 14.28 11.03
N ALA C 29 -10.41 15.19 10.15
CA ALA C 29 -10.99 15.20 8.81
C ALA C 29 -10.70 13.92 8.01
N LEU C 30 -9.47 13.47 8.02
CA LEU C 30 -9.09 12.26 7.34
C LEU C 30 -9.74 11.05 7.88
N THR C 31 -9.95 10.98 9.18
CA THR C 31 -10.63 9.85 9.79
C THR C 31 -12.02 9.68 9.35
N LYS C 32 -12.71 10.79 9.20
CA LYS C 32 -14.00 10.79 8.56
C LYS C 32 -13.96 10.40 7.10
N MET C 33 -13.03 10.89 6.36
CA MET C 33 -12.92 10.45 4.97
C MET C 33 -12.76 8.93 4.90
N ALA C 34 -12.03 8.39 5.86
CA ALA C 34 -11.81 6.95 5.96
C ALA C 34 -13.13 6.26 6.17
N ALA C 35 -13.90 6.69 7.17
CA ALA C 35 -15.22 6.11 7.40
C ALA C 35 -16.09 6.19 6.18
N ALA C 36 -16.10 7.34 5.50
CA ALA C 36 -16.98 7.49 4.31
C ALA C 36 -16.54 6.60 3.18
N ALA C 37 -15.22 6.51 2.99
CA ALA C 37 -14.68 5.74 1.90
C ALA C 37 -14.98 4.28 2.14
N ALA C 38 -14.75 3.81 3.36
CA ALA C 38 -15.05 2.38 3.68
C ALA C 38 -16.53 2.06 3.54
N ASP C 39 -17.36 2.97 4.01
CA ASP C 39 -18.79 2.78 4.03
C ASP C 39 -19.35 2.77 2.61
N ALA C 40 -18.66 3.36 1.67
CA ALA C 40 -19.12 3.39 0.30
C ALA C 40 -18.60 2.24 -0.51
N TRP C 41 -17.86 1.34 0.14
CA TRP C 41 -17.23 0.25 -0.58
C TRP C 41 -18.31 -0.59 -1.27
N SER C 42 -19.42 -0.74 -0.56
CA SER C 42 -20.64 -1.45 -0.95
C SER C 42 -21.47 -0.94 -2.08
N ALA C 43 -21.54 0.36 -2.19
CA ALA C 43 -22.52 1.06 -3.01
C ALA C 43 -22.43 0.70 -4.48
N THR C 44 -23.56 0.64 -5.14
CA THR C 44 -23.62 0.53 -6.58
C THR C 44 -23.99 1.93 -7.07
N PRO C 45 -23.14 2.53 -7.92
CA PRO C 45 -23.41 3.83 -8.52
C PRO C 45 -24.52 3.77 -9.58
N PRO C 46 -25.27 4.87 -9.76
CA PRO C 46 -26.37 4.89 -10.71
C PRO C 46 -26.05 4.29 -12.09
N LYS C 47 -24.95 4.72 -12.71
CA LYS C 47 -24.65 4.26 -14.06
C LYS C 47 -24.33 2.77 -14.17
N LEU C 48 -24.28 2.13 -13.02
CA LEU C 48 -23.92 0.74 -12.98
C LEU C 48 -24.91 -0.20 -12.36
N GLU C 49 -26.10 0.27 -11.99
CA GLU C 49 -27.07 -0.56 -11.28
C GLU C 49 -27.51 -1.78 -12.09
N ASP C 50 -27.45 -1.66 -13.38
CA ASP C 50 -27.87 -2.75 -14.21
C ASP C 50 -26.82 -3.81 -14.33
N LYS C 51 -25.62 -3.42 -13.97
CA LYS C 51 -24.48 -4.29 -13.99
C LYS C 51 -24.31 -4.99 -12.67
N SER C 52 -24.04 -6.28 -12.80
CA SER C 52 -23.84 -7.18 -11.68
C SER C 52 -22.69 -6.80 -10.88
N PRO C 53 -22.78 -7.09 -9.59
CA PRO C 53 -21.87 -6.63 -8.62
C PRO C 53 -20.55 -7.13 -9.07
N ASP C 54 -20.58 -8.32 -9.60
CA ASP C 54 -19.38 -9.17 -9.93
C ASP C 54 -18.90 -8.88 -11.31
N SER C 55 -19.53 -7.89 -11.89
CA SER C 55 -19.15 -7.38 -13.16
C SER C 55 -17.76 -6.75 -13.19
N PRO C 56 -17.17 -6.76 -14.35
CA PRO C 56 -15.82 -6.34 -14.49
C PRO C 56 -15.73 -4.91 -14.13
N GLU C 57 -16.87 -4.30 -14.15
CA GLU C 57 -16.93 -2.85 -13.97
C GLU C 57 -17.29 -2.43 -12.56
N MET C 58 -18.00 -3.25 -11.83
CA MET C 58 -18.07 -3.07 -10.45
C MET C 58 -16.80 -3.54 -9.74
N HIS C 59 -15.88 -4.36 -10.36
CA HIS C 59 -14.57 -4.69 -9.88
C HIS C 59 -13.64 -3.51 -9.99
N ASP C 60 -13.67 -2.78 -11.09
CA ASP C 60 -12.94 -1.52 -11.21
C ASP C 60 -13.52 -0.43 -10.37
N PHE C 61 -14.82 -0.35 -10.24
CA PHE C 61 -15.40 0.70 -9.38
C PHE C 61 -14.94 0.54 -7.99
N ARG C 62 -14.84 -0.67 -7.51
CA ARG C 62 -14.37 -0.91 -6.16
C ARG C 62 -12.87 -0.72 -6.01
N HIS C 63 -12.12 -1.17 -7.01
CA HIS C 63 -10.69 -0.93 -7.02
C HIS C 63 -10.31 0.51 -6.64
N GLY C 64 -11.06 1.48 -7.16
CA GLY C 64 -10.81 2.90 -6.98
C GLY C 64 -10.88 3.25 -5.53
N PHE C 65 -11.77 2.59 -4.85
CA PHE C 65 -11.94 2.72 -3.45
C PHE C 65 -10.81 2.17 -2.60
N TRP C 66 -10.18 1.13 -3.03
CA TRP C 66 -9.02 0.69 -2.37
C TRP C 66 -7.90 1.70 -2.49
N ILE C 67 -7.75 2.29 -3.64
CA ILE C 67 -6.73 3.31 -3.87
C ILE C 67 -6.96 4.46 -2.89
N LEU C 68 -8.20 4.89 -2.76
CA LEU C 68 -8.51 6.01 -1.88
C LEU C 68 -8.24 5.66 -0.41
N ILE C 69 -8.68 4.48 -0.02
CA ILE C 69 -8.47 4.01 1.34
C ILE C 69 -6.99 4.04 1.70
N GLY C 70 -6.16 3.44 0.82
CA GLY C 70 -4.70 3.43 0.94
C GLY C 70 -4.07 4.80 1.03
N GLN C 71 -4.51 5.70 0.22
CA GLN C 71 -4.06 7.04 0.22
C GLN C 71 -4.42 7.79 1.48
N ILE C 72 -5.58 7.55 2.04
CA ILE C 72 -6.02 8.23 3.25
C ILE C 72 -5.21 7.69 4.43
N HIS C 73 -4.98 6.38 4.40
CA HIS C 73 -4.27 5.65 5.44
C HIS C 73 -2.93 6.24 5.51
N ASP C 74 -2.38 6.50 4.34
CA ASP C 74 -1.06 7.05 4.41
C ASP C 74 -1.09 8.52 4.86
N ALA C 75 -1.86 9.41 4.41
CA ALA C 75 -1.98 10.78 4.82
C ALA C 75 -2.23 10.88 6.34
N LEU C 76 -3.03 10.01 6.91
CA LEU C 76 -3.18 10.01 8.34
C LEU C 76 -1.87 9.77 9.08
N HIS C 77 -1.03 8.87 8.62
CA HIS C 77 0.29 8.71 9.25
C HIS C 77 1.05 10.05 9.22
N LEU C 78 1.09 10.71 8.06
CA LEU C 78 1.77 11.99 7.93
C LEU C 78 1.23 13.00 8.93
N ALA C 79 -0.09 13.03 9.03
CA ALA C 79 -0.73 13.91 9.97
C ALA C 79 -0.33 13.55 11.39
N ASN C 80 -0.43 12.27 11.73
CA ASN C 80 -0.05 11.77 13.06
C ASN C 80 1.40 12.06 13.39
N GLU C 81 2.20 12.29 12.35
CA GLU C 81 3.59 12.67 12.54
C GLU C 81 3.75 14.19 12.57
N CYS C 82 2.63 14.88 12.78
CA CYS C 82 2.55 16.35 12.75
C CYS C 82 3.21 17.00 11.55
N LYS C 83 3.37 16.24 10.50
CA LYS C 83 3.84 16.65 9.23
C LYS C 83 2.65 17.14 8.48
N VAL C 84 2.15 18.30 8.92
CA VAL C 84 0.93 18.95 8.40
C VAL C 84 0.83 19.45 6.94
N LYS C 85 1.86 20.15 6.44
CA LYS C 85 1.80 20.60 5.09
C LYS C 85 1.93 19.42 4.18
N GLU C 86 2.67 18.44 4.64
CA GLU C 86 2.90 17.22 3.90
CA GLU C 86 2.95 17.22 3.95
C GLU C 86 1.76 16.36 3.74
N ALA C 87 0.97 16.20 4.78
CA ALA C 87 -0.33 15.57 4.83
C ALA C 87 -1.29 16.30 3.87
N GLN C 88 -1.24 17.63 3.87
CA GLN C 88 -2.06 18.45 3.01
C GLN C 88 -1.78 18.16 1.57
N ALA C 89 -0.54 18.00 1.24
CA ALA C 89 -0.14 17.67 -0.12
C ALA C 89 -0.61 16.29 -0.56
N ALA C 90 -0.49 15.30 0.33
CA ALA C 90 -0.95 13.94 0.05
C ALA C 90 -2.45 13.95 -0.23
N ALA C 91 -3.14 14.92 0.37
CA ALA C 91 -4.56 15.08 0.20
C ALA C 91 -4.83 15.63 -1.17
N GLU C 92 -4.13 16.72 -1.52
CA GLU C 92 -4.16 17.27 -2.88
C GLU C 92 -3.92 16.21 -3.96
N GLN C 93 -2.97 15.34 -3.79
CA GLN C 93 -2.73 14.30 -4.76
C GLN C 93 -3.83 13.32 -4.96
N LEU C 94 -4.50 12.97 -3.89
CA LEU C 94 -5.42 11.86 -3.93
C LEU C 94 -6.71 12.22 -4.68
N LYS C 95 -6.81 13.48 -5.05
CA LYS C 95 -7.86 13.98 -5.88
C LYS C 95 -7.89 13.30 -7.18
N THR C 96 -6.77 12.86 -7.63
CA THR C 96 -6.64 12.27 -8.91
C THR C 96 -7.50 11.08 -8.94
N THR C 97 -7.56 10.43 -7.81
CA THR C 97 -8.36 9.22 -7.60
C THR C 97 -9.86 9.55 -7.67
N CYS C 98 -10.27 10.58 -6.95
CA CYS C 98 -11.60 11.13 -7.05
C CYS C 98 -11.95 11.40 -8.51
N ASN C 99 -11.02 11.98 -9.28
CA ASN C 99 -11.34 12.38 -10.64
C ASN C 99 -11.33 11.27 -11.65
N ALA C 100 -10.45 10.28 -11.46
CA ALA C 100 -10.37 9.13 -12.36
C ALA C 100 -11.68 8.35 -12.32
N CYS C 101 -12.22 8.19 -11.10
CA CYS C 101 -13.42 7.42 -10.88
C CYS C 101 -14.66 8.25 -11.27
N HIS C 102 -14.59 9.57 -11.09
CA HIS C 102 -15.68 10.42 -11.56
C HIS C 102 -15.81 10.41 -13.10
N GLN C 103 -14.66 10.59 -13.69
CA GLN C 103 -14.73 10.63 -15.12
C GLN C 103 -15.31 9.33 -15.69
N LYS C 104 -15.15 8.25 -15.11
CA LYS C 104 -15.53 6.93 -15.63
C LYS C 104 -16.93 6.49 -15.23
N TYR C 105 -17.23 6.64 -13.97
CA TYR C 105 -18.39 6.06 -13.36
C TYR C 105 -19.47 7.00 -12.95
N ARG C 106 -19.27 8.24 -13.27
CA ARG C 106 -20.18 9.25 -12.81
C ARG C 106 -20.84 10.01 -13.94
N ALA D 1 23.06 3.68 -10.07
CA ALA D 1 23.12 4.61 -11.19
C ALA D 1 22.83 6.03 -10.75
N ASP D 2 22.82 6.95 -11.71
CA ASP D 2 22.56 8.36 -11.43
C ASP D 2 21.08 8.61 -11.20
N LEU D 3 20.73 9.71 -10.56
CA LEU D 3 19.38 10.18 -10.32
C LEU D 3 18.83 10.69 -11.60
N GLU D 4 19.57 11.49 -12.34
CA GLU D 4 19.18 11.84 -13.67
C GLU D 4 19.49 10.53 -14.33
N ASP D 5 18.58 10.14 -15.22
CA ASP D 5 18.61 8.93 -16.03
C ASP D 5 18.13 7.73 -15.20
N ASN D 6 17.72 8.07 -13.97
CA ASN D 6 17.00 7.21 -13.04
C ASN D 6 15.64 7.87 -13.20
N MET D 7 15.71 9.20 -13.28
CA MET D 7 14.66 10.14 -13.62
C MET D 7 14.37 10.14 -15.11
N GLU D 8 15.41 10.04 -15.92
CA GLU D 8 15.22 9.86 -17.36
C GLU D 8 14.56 8.51 -17.66
N THR D 9 15.04 7.46 -17.03
CA THR D 9 14.39 6.15 -17.18
C THR D 9 12.92 6.30 -16.84
N LEU D 10 12.61 6.93 -15.71
CA LEU D 10 11.22 7.08 -15.31
C LEU D 10 10.43 7.86 -16.35
N ASN D 11 10.93 9.00 -16.76
CA ASN D 11 10.26 9.83 -17.72
C ASN D 11 10.08 9.23 -19.11
N ASP D 12 11.10 8.61 -19.70
CA ASP D 12 10.97 7.93 -21.01
C ASP D 12 9.89 6.87 -20.98
N ASN D 13 9.94 6.02 -19.97
CA ASN D 13 9.02 4.90 -19.84
C ASN D 13 7.61 5.35 -19.58
N LEU D 14 7.46 6.51 -18.94
CA LEU D 14 6.15 7.10 -18.73
C LEU D 14 5.45 7.45 -20.04
N LYS D 15 6.18 8.05 -20.98
CA LYS D 15 5.69 8.29 -22.33
C LYS D 15 5.42 7.00 -23.08
N VAL D 16 6.31 6.01 -22.94
CA VAL D 16 6.10 4.73 -23.58
C VAL D 16 4.72 4.22 -23.18
N ILE D 17 4.43 4.25 -21.88
CA ILE D 17 3.13 3.80 -21.39
C ILE D 17 2.03 4.66 -22.03
N GLU D 18 2.26 5.94 -22.18
CA GLU D 18 1.32 6.84 -22.80
C GLU D 18 0.97 6.54 -24.19
N LYS D 19 1.93 6.08 -24.96
CA LYS D 19 1.73 5.76 -26.37
C LYS D 19 1.39 4.30 -26.66
N ALA D 20 1.37 3.47 -25.62
CA ALA D 20 1.31 2.01 -25.78
C ALA D 20 0.05 1.51 -26.46
N ASP D 21 0.26 0.38 -27.06
CA ASP D 21 -0.81 -0.19 -27.66
C ASP D 21 -1.34 -1.32 -26.87
N ASN D 22 -0.46 -1.95 -26.14
CA ASN D 22 -0.73 -3.25 -25.60
C ASN D 22 -0.14 -3.48 -24.26
N ALA D 23 -0.46 -4.60 -23.66
CA ALA D 23 0.00 -4.93 -22.32
C ALA D 23 1.46 -5.12 -22.18
N ALA D 24 2.01 -5.82 -23.15
CA ALA D 24 3.38 -6.20 -23.14
C ALA D 24 4.17 -5.00 -23.07
N GLN D 25 3.83 -4.00 -23.85
CA GLN D 25 4.57 -2.78 -23.78
C GLN D 25 4.53 -2.14 -22.43
N VAL D 26 3.37 -2.10 -21.82
CA VAL D 26 3.24 -1.54 -20.51
C VAL D 26 3.92 -2.30 -19.43
N LYS D 27 3.91 -3.60 -19.50
CA LYS D 27 4.52 -4.38 -18.45
C LYS D 27 5.96 -4.15 -18.43
N ASP D 28 6.59 -4.06 -19.61
CA ASP D 28 8.02 -3.91 -19.76
C ASP D 28 8.42 -2.53 -19.25
N ALA D 29 7.62 -1.51 -19.60
CA ALA D 29 7.90 -0.14 -19.21
C ALA D 29 7.77 0.05 -17.70
N LEU D 30 6.72 -0.50 -17.10
CA LEU D 30 6.54 -0.38 -15.65
C LEU D 30 7.67 -1.03 -14.86
N THR D 31 8.13 -2.19 -15.35
CA THR D 31 9.23 -2.94 -14.73
C THR D 31 10.50 -2.08 -14.73
N LYS D 32 10.73 -1.38 -15.84
CA LYS D 32 11.87 -0.50 -15.93
C LYS D 32 11.74 0.67 -14.97
N MET D 33 10.58 1.24 -14.83
CA MET D 33 10.34 2.25 -13.83
C MET D 33 10.55 1.70 -12.44
N ALA D 34 10.21 0.46 -12.19
CA ALA D 34 10.41 -0.14 -10.88
C ALA D 34 11.89 -0.20 -10.55
N ALA D 35 12.70 -0.71 -11.47
CA ALA D 35 14.17 -0.70 -11.29
C ALA D 35 14.72 0.71 -11.02
N ALA D 36 14.32 1.71 -11.81
CA ALA D 36 14.87 3.06 -11.65
C ALA D 36 14.41 3.68 -10.34
N ALA D 37 13.14 3.50 -10.00
CA ALA D 37 12.66 4.02 -8.71
C ALA D 37 13.41 3.40 -7.52
N ALA D 38 13.57 2.07 -7.52
CA ALA D 38 14.24 1.39 -6.41
C ALA D 38 15.72 1.78 -6.33
N ASP D 39 16.38 1.80 -7.49
CA ASP D 39 17.77 2.21 -7.60
C ASP D 39 18.02 3.68 -7.19
N ALA D 40 17.00 4.53 -7.31
CA ALA D 40 17.10 5.92 -6.91
C ALA D 40 16.96 6.11 -5.41
N TRP D 41 16.61 5.05 -4.69
CA TRP D 41 16.31 5.12 -3.28
C TRP D 41 17.48 5.68 -2.46
N SER D 42 18.70 5.35 -2.86
CA SER D 42 19.94 5.85 -2.26
C SER D 42 20.30 7.34 -2.39
N ALA D 43 19.92 7.94 -3.49
CA ALA D 43 20.46 9.17 -3.88
C ALA D 43 20.11 10.30 -2.98
N THR D 44 21.04 11.22 -2.98
CA THR D 44 20.89 12.48 -2.33
C THR D 44 20.85 13.45 -3.50
N PRO D 45 19.78 14.20 -3.50
CA PRO D 45 19.55 15.21 -4.53
C PRO D 45 20.46 16.42 -4.28
N PRO D 46 20.58 17.24 -5.31
CA PRO D 46 21.47 18.40 -5.32
C PRO D 46 21.12 19.42 -4.25
N LYS D 47 19.82 19.65 -4.03
CA LYS D 47 19.38 20.61 -3.04
C LYS D 47 19.76 20.19 -1.62
N LEU D 48 19.89 18.90 -1.40
CA LEU D 48 19.98 18.30 -0.10
C LEU D 48 21.33 17.75 0.23
N GLU D 49 22.36 18.10 -0.55
CA GLU D 49 23.72 17.54 -0.50
C GLU D 49 24.48 17.66 0.84
N ASP D 50 24.12 18.59 1.69
CA ASP D 50 24.81 18.64 2.95
C ASP D 50 23.97 18.21 4.11
N LYS D 51 22.69 18.08 3.87
CA LYS D 51 21.76 17.69 4.91
C LYS D 51 21.98 16.27 5.28
N SER D 52 21.78 15.92 6.55
CA SER D 52 22.04 14.54 6.95
C SER D 52 21.09 13.51 6.39
N PRO D 53 21.66 12.36 6.04
CA PRO D 53 20.87 11.32 5.38
C PRO D 53 19.73 10.91 6.28
N ASP D 54 19.99 11.00 7.57
CA ASP D 54 19.05 10.54 8.57
C ASP D 54 18.20 11.73 8.99
N SER D 55 18.33 12.75 8.15
CA SER D 55 17.72 14.06 8.28
C SER D 55 16.27 14.11 8.05
N PRO D 56 15.56 14.97 8.74
CA PRO D 56 14.13 15.02 8.42
C PRO D 56 13.77 15.22 6.91
N GLU D 57 14.60 15.84 6.07
CA GLU D 57 14.22 16.11 4.69
C GLU D 57 14.71 15.04 3.80
N MET D 58 15.69 14.30 4.21
CA MET D 58 15.91 13.07 3.53
C MET D 58 14.81 12.04 3.81
N HIS D 59 14.25 12.01 4.99
CA HIS D 59 13.19 11.09 5.21
C HIS D 59 12.04 11.44 4.33
N ASP D 60 11.73 12.69 4.18
CA ASP D 60 10.61 13.06 3.33
C ASP D 60 10.92 12.93 1.85
N PHE D 61 12.15 13.12 1.48
CA PHE D 61 12.56 12.81 0.12
C PHE D 61 12.37 11.32 -0.21
N ARG D 62 12.82 10.41 0.61
CA ARG D 62 12.58 9.00 0.30
C ARG D 62 11.12 8.50 0.27
N HIS D 63 10.33 8.97 1.23
CA HIS D 63 8.92 8.63 1.40
C HIS D 63 8.17 8.63 0.07
N GLY D 64 8.66 9.77 -0.68
CA GLY D 64 8.05 9.98 -2.01
C GLY D 64 8.33 8.82 -2.94
N PHE D 65 9.47 8.23 -2.77
CA PHE D 65 9.82 6.99 -3.39
C PHE D 65 9.09 5.75 -2.96
N TRP D 66 8.71 5.61 -1.73
CA TRP D 66 7.85 4.56 -1.36
C TRP D 66 6.53 4.76 -2.05
N ILE D 67 6.05 5.97 -2.17
CA ILE D 67 4.78 6.23 -2.79
C ILE D 67 4.86 5.77 -4.26
N LEU D 68 5.90 6.16 -4.93
CA LEU D 68 6.06 5.81 -6.30
C LEU D 68 6.17 4.33 -6.55
N ILE D 69 6.93 3.66 -5.72
CA ILE D 69 7.12 2.27 -5.83
C ILE D 69 5.83 1.51 -5.65
N GLY D 70 5.02 1.91 -4.65
CA GLY D 70 3.70 1.35 -4.41
C GLY D 70 2.74 1.58 -5.58
N GLN D 71 2.81 2.74 -6.18
CA GLN D 71 1.91 3.04 -7.28
C GLN D 71 2.30 2.27 -8.54
N ILE D 72 3.60 1.95 -8.68
CA ILE D 72 4.08 1.20 -9.85
C ILE D 72 3.74 -0.25 -9.66
N HIS D 73 3.90 -0.75 -8.43
CA HIS D 73 3.48 -2.11 -8.05
C HIS D 73 2.03 -2.34 -8.47
N ASP D 74 1.12 -1.52 -8.02
CA ASP D 74 -0.26 -1.72 -8.37
C ASP D 74 -0.52 -1.63 -9.89
N ALA D 75 0.04 -0.62 -10.56
CA ALA D 75 -0.17 -0.52 -12.02
C ALA D 75 0.34 -1.76 -12.76
N LEU D 76 1.42 -2.36 -12.26
CA LEU D 76 1.89 -3.58 -12.89
C LEU D 76 0.83 -4.68 -12.76
N HIS D 77 0.19 -4.78 -11.59
CA HIS D 77 -0.90 -5.77 -11.43
C HIS D 77 -1.97 -5.55 -12.47
N LEU D 78 -2.44 -4.32 -12.68
CA LEU D 78 -3.44 -4.00 -13.67
C LEU D 78 -2.99 -4.33 -15.05
N ALA D 79 -1.76 -4.09 -15.31
CA ALA D 79 -1.23 -4.48 -16.59
C ALA D 79 -1.23 -6.02 -16.73
N ASN D 80 -0.83 -6.71 -15.69
CA ASN D 80 -0.76 -8.16 -15.66
C ASN D 80 -2.09 -8.76 -15.82
N GLU D 81 -3.09 -8.00 -15.45
CA GLU D 81 -4.47 -8.40 -15.60
C GLU D 81 -5.04 -8.00 -16.98
N CYS D 82 -4.20 -7.46 -17.83
CA CYS D 82 -4.50 -7.03 -19.21
C CYS D 82 -5.62 -6.01 -19.38
N LYS D 83 -5.69 -5.26 -18.14
CA LYS D 83 -6.46 -4.10 -18.04
C LYS D 83 -5.58 -2.95 -18.38
N VAL D 84 -5.37 -2.71 -19.65
CA VAL D 84 -4.43 -1.72 -20.16
C VAL D 84 -4.83 -0.27 -19.89
N LYS D 85 -6.06 0.10 -20.26
CA LYS D 85 -6.45 1.50 -20.09
C LYS D 85 -6.37 1.89 -18.62
N GLU D 86 -6.65 0.89 -17.78
CA GLU D 86 -6.47 0.93 -16.34
C GLU D 86 -5.05 1.03 -15.80
N ALA D 87 -4.13 0.28 -16.36
CA ALA D 87 -2.74 0.57 -16.10
C ALA D 87 -2.37 1.97 -16.57
N GLN D 88 -2.93 2.39 -17.69
CA GLN D 88 -2.57 3.63 -18.27
C GLN D 88 -2.97 4.80 -17.46
N ALA D 89 -4.13 4.72 -16.85
CA ALA D 89 -4.65 5.76 -15.98
C ALA D 89 -3.91 5.83 -14.66
N ALA D 90 -3.59 4.68 -14.09
CA ALA D 90 -2.84 4.58 -12.83
C ALA D 90 -1.46 5.22 -13.00
N ALA D 91 -0.95 5.16 -14.23
CA ALA D 91 0.31 5.82 -14.60
C ALA D 91 0.14 7.31 -14.65
N GLU D 92 -0.90 7.77 -15.25
CA GLU D 92 -1.22 9.15 -15.25
C GLU D 92 -1.42 9.71 -13.88
N GLN D 93 -2.09 9.02 -13.00
CA GLN D 93 -2.25 9.44 -11.62
C GLN D 93 -1.05 9.40 -10.72
N LEU D 94 -0.05 8.74 -11.26
CA LEU D 94 1.20 8.46 -10.63
C LEU D 94 2.10 9.67 -10.79
N LYS D 95 1.66 10.56 -11.67
CA LYS D 95 2.36 11.79 -12.00
C LYS D 95 2.51 12.76 -10.83
N THR D 96 1.47 12.89 -10.03
CA THR D 96 1.44 13.78 -8.90
C THR D 96 2.64 13.61 -8.09
N THR D 97 2.98 12.35 -7.92
CA THR D 97 4.05 11.94 -7.05
C THR D 97 5.30 12.51 -7.56
N CYS D 98 5.46 12.44 -8.86
CA CYS D 98 6.58 13.02 -9.56
C CYS D 98 6.61 14.52 -9.31
N ASN D 99 5.45 15.13 -9.43
CA ASN D 99 5.27 16.52 -9.26
C ASN D 99 5.46 17.05 -7.88
N ALA D 100 4.93 16.36 -6.90
CA ALA D 100 5.00 16.77 -5.48
C ALA D 100 6.43 16.82 -5.02
N CYS D 101 7.20 15.82 -5.44
CA CYS D 101 8.58 15.74 -5.07
C CYS D 101 9.45 16.71 -5.87
N HIS D 102 9.02 17.06 -7.09
CA HIS D 102 9.79 17.99 -7.91
C HIS D 102 9.67 19.40 -7.35
N GLN D 103 8.43 19.86 -7.14
CA GLN D 103 8.12 21.12 -6.49
C GLN D 103 8.97 21.36 -5.25
N LYS D 104 9.20 20.32 -4.46
CA LYS D 104 9.85 20.45 -3.16
C LYS D 104 11.37 20.31 -3.18
N TYR D 105 11.88 19.32 -3.91
CA TYR D 105 13.28 18.91 -3.72
C TYR D 105 14.17 19.14 -4.96
N ARG D 106 13.60 19.81 -5.94
CA ARG D 106 14.33 20.07 -7.16
C ARG D 106 14.20 21.51 -7.61
ZN ZN E . 3.92 6.92 4.19
CHA HEM F . 19.35 -15.18 1.98
CHB HEM F . 17.70 -12.56 5.73
CHC HEM F . 13.92 -11.10 3.07
CHD HEM F . 15.42 -13.90 -0.61
C1A HEM F . 19.25 -14.58 3.22
C2A HEM F . 20.23 -14.73 4.31
C3A HEM F . 19.77 -14.02 5.36
C4A HEM F . 18.50 -13.38 4.96
CMA HEM F . 20.52 -13.90 6.72
CAA HEM F . 21.54 -15.56 4.26
CBA HEM F . 22.62 -14.72 3.59
CGA HEM F . 23.98 -14.94 4.23
O1A HEM F . 24.16 -14.56 5.44
O2A HEM F . 24.87 -15.48 3.52
C1B HEM F . 16.50 -11.97 5.34
C2B HEM F . 15.62 -11.23 6.22
C3B HEM F . 14.56 -10.83 5.49
C4B HEM F . 14.76 -11.29 4.14
CMB HEM F . 15.89 -10.99 7.73
CAB HEM F . 13.35 -9.98 5.99
CBB HEM F . 13.60 -8.70 6.32
C1C HEM F . 14.02 -11.71 1.83
C2C HEM F . 13.10 -11.50 0.72
C3C HEM F . 13.52 -12.25 -0.30
C4C HEM F . 14.70 -12.99 0.15
CMC HEM F . 11.90 -10.54 0.76
CAC HEM F . 12.90 -12.39 -1.72
CBC HEM F . 12.16 -11.43 -2.32
C1D HEM F . 16.66 -14.42 -0.33
C2D HEM F . 17.58 -15.01 -1.27
C3D HEM F . 18.83 -15.43 -0.48
C4D HEM F . 18.51 -15.01 0.88
CMD HEM F . 17.39 -15.22 -2.80
CAD HEM F . 20.13 -16.11 -1.02
CBD HEM F . 21.29 -15.09 -1.09
CGD HEM F . 22.59 -15.55 -1.78
O1D HEM F . 22.82 -15.14 -2.95
O2D HEM F . 23.41 -16.30 -1.17
NA HEM F . 18.22 -13.75 3.64
NB HEM F . 15.95 -11.98 4.08
NC HEM F . 14.97 -12.63 1.45
ND HEM F . 17.24 -14.42 0.92
FE HEM F . 16.56 -13.17 2.51
C1 LCY G . 8.15 9.95 21.16
C2 LCY G . 7.98 11.38 20.73
C3 LCY G . 9.41 11.93 20.85
O2 LCY G . 9.72 13.10 20.60
N1 LCY G . 10.29 11.00 21.29
C4 LCY G . 9.64 9.84 21.46
O1 LCY G . 10.20 8.82 21.83
C5 LCY G . 11.78 11.22 21.50
ZN ZN H . -4.83 -2.52 -7.21
CHA HEM I . -13.77 -11.81 16.53
CHB HEM I . -11.87 -13.87 12.68
CHC HEM I . -9.23 -9.98 11.63
CHD HEM I . -11.21 -7.78 15.35
C1A HEM I . -13.49 -12.78 15.60
C2A HEM I . -13.96 -14.17 15.55
C3A HEM I . -13.40 -14.73 14.48
C4A HEM I . -12.60 -13.71 13.82
CMA HEM I . -13.55 -16.18 13.96
CAA HEM I . -14.91 -14.88 16.59
CBA HEM I . -16.31 -15.31 16.12
CGA HEM I . -16.64 -16.78 16.39
O1A HEM I . -15.73 -17.67 16.33
O2A HEM I . -17.84 -17.10 16.65
C1B HEM I . -11.02 -12.96 12.08
C2B HEM I . -10.32 -13.21 10.84
C3B HEM I . -9.59 -12.14 10.55
C4B HEM I . -9.82 -11.18 11.60
CMB HEM I . -10.45 -14.52 10.03
CAB HEM I . -8.68 -11.89 9.35
CBB HEM I . -9.26 -11.71 8.16
C1C HEM I . -9.51 -9.05 12.56
C2C HEM I . -8.91 -7.74 12.65
C3C HEM I . -9.47 -7.11 13.69
C4C HEM I . -10.43 -8.03 14.27
CMC HEM I . -7.82 -7.20 11.67
CAC HEM I . -9.17 -5.68 14.21
CBC HEM I . -8.53 -4.77 13.44
C1D HEM I . -12.03 -8.66 16.01
C2D HEM I . -12.75 -8.30 17.22
C3D HEM I . -13.55 -9.55 17.61
C4D HEM I . -13.24 -10.53 16.58
CMD HEM I . -12.69 -6.95 17.95
CAD HEM I . -14.48 -9.65 18.82
CBD HEM I . -15.91 -9.80 18.33
CGD HEM I . -16.47 -11.14 18.79
O1D HEM I . -17.02 -11.19 19.94
O2D HEM I . -16.39 -12.16 18.03
NA HEM I . -12.66 -12.54 14.53
NB HEM I . -10.69 -11.70 12.52
NC HEM I . -10.43 -9.20 13.56
ND HEM I . -12.35 -9.97 15.66
FE HEM I . -11.53 -10.83 14.03
C1 LCY J . -5.93 -15.60 -15.07
C2 LCY J . -5.39 -15.70 -16.50
C3 LCY J . -6.64 -15.43 -17.35
O2 LCY J . -6.65 -15.40 -18.59
N1 LCY J . -7.74 -15.20 -16.59
C4 LCY J . -7.41 -15.29 -15.28
O1 LCY J . -8.20 -15.14 -14.35
C5 LCY J . -9.13 -14.91 -17.11
ZN ZN K . -0.25 2.31 8.74
CHA HEM L . -20.26 11.66 -6.35
CHB HEM L . -16.43 13.84 -4.37
CHC HEM L . -13.89 9.76 -4.61
CHD HEM L . -17.36 7.84 -7.44
C1A HEM L . -19.42 12.66 -5.87
C2A HEM L . -19.70 14.10 -5.82
C3A HEM L . -18.62 14.69 -5.28
C4A HEM L . -17.65 13.65 -4.96
CMA HEM L . -18.43 16.21 -5.03
CAA HEM L . -21.01 14.81 -6.32
CBA HEM L . -20.86 16.33 -6.22
CGA HEM L . -21.88 17.15 -7.00
O1A HEM L . -21.64 18.39 -7.17
O2A HEM L . -22.94 16.60 -7.46
C1B HEM L . -15.42 12.92 -4.23
C2B HEM L . -14.16 13.18 -3.60
C3B HEM L . -13.42 12.06 -3.64
C4B HEM L . -14.24 11.06 -4.32
CMB HEM L . -13.79 14.55 -3.00
CAB HEM L . -11.97 11.89 -3.08
CBB HEM L . -11.65 11.62 -1.81
C1C HEM L . -14.59 8.90 -5.45
C2C HEM L . -14.11 7.60 -5.91
C3C HEM L . -15.04 7.05 -6.68
C4C HEM L . -16.17 7.99 -6.74
CMC HEM L . -12.74 6.95 -5.59
CAC HEM L . -14.90 5.66 -7.34
CBC HEM L . -14.20 4.66 -6.79
C1D HEM L . -18.48 8.66 -7.41
C2D HEM L . -19.77 8.39 -8.04
C3D HEM L . -20.67 9.60 -7.70
C4D HEM L . -19.84 10.45 -6.89
CMD HEM L . -20.18 7.17 -8.89
CAD HEM L . -22.16 9.82 -8.09
CBD HEM L . -22.98 9.50 -6.83
CGD HEM L . -24.48 9.43 -7.04
O1D HEM L . -25.07 8.35 -6.73
O2D HEM L . -25.09 10.43 -7.49
NA HEM L . -18.15 12.42 -5.33
NB HEM L . -15.45 11.61 -4.65
NC HEM L . -15.85 9.10 -5.98
ND HEM L . -18.57 9.87 -6.74
FE HEM L . -16.98 10.73 -5.74
C1 LCY M . 3.30 15.46 16.75
C2 LCY M . 3.32 13.99 16.40
C3 LCY M . 4.77 13.76 15.99
O2 LCY M . 5.22 12.68 15.63
N1 LCY M . 5.51 14.89 16.07
C4 LCY M . 4.74 15.91 16.49
O1 LCY M . 5.15 17.05 16.65
C5 LCY M . 6.94 14.99 15.73
ZN ZN N . 1.26 -7.13 -5.41
CHA HEM O . 14.85 15.32 -11.70
CHB HEM O . 11.36 12.98 -13.97
CHC HEM O . 9.70 11.21 -9.75
CHD HEM O . 13.00 13.66 -7.49
C1A HEM O . 14.09 14.84 -12.73
C2A HEM O . 14.29 15.05 -14.16
C3A HEM O . 13.30 14.39 -14.79
C4A HEM O . 12.48 13.75 -13.78
CMA HEM O . 13.09 14.31 -16.31
CAA HEM O . 15.45 15.89 -14.80
CBA HEM O . 16.75 15.05 -14.86
CGA HEM O . 17.85 15.56 -15.80
O1A HEM O . 19.07 15.26 -15.54
O2A HEM O . 17.54 16.22 -16.84
C1B HEM O . 10.62 12.35 -12.99
C2B HEM O . 9.37 11.63 -13.23
C3B HEM O . 8.95 11.14 -12.06
C4B HEM O . 9.88 11.54 -11.06
CMB HEM O . 8.74 11.48 -14.62
CAB HEM O . 7.71 10.31 -11.67
CBB HEM O . 7.47 9.06 -12.07
C1C HEM O . 10.40 11.74 -8.72
C2C HEM O . 10.16 11.56 -7.29
C3C HEM O . 11.13 12.27 -6.68
C4C HEM O . 11.94 12.87 -7.70
CMC HEM O . 9.05 10.72 -6.59
CAC HEM O . 11.37 12.41 -5.15
CBC HEM O . 10.68 11.71 -4.24
C1D HEM O . 13.73 14.32 -8.40
C2D HEM O . 14.79 15.20 -8.00
C3D HEM O . 15.36 15.74 -9.29
C4D HEM O . 14.61 15.10 -10.35
CMD HEM O . 15.20 15.50 -6.54
CAD HEM O . 16.55 16.71 -9.44
CBD HEM O . 17.56 15.94 -10.32
CGD HEM O . 18.66 16.86 -10.80
O1D HEM O . 19.85 16.53 -10.52
O2D HEM O . 18.34 17.90 -11.42
NA HEM O . 12.98 14.03 -12.55
NB HEM O . 10.90 12.28 -11.64
NC HEM O . 11.48 12.54 -8.94
ND HEM O . 13.65 14.27 -9.78
FE HEM O . 12.18 13.28 -10.71
C1 LCY P . -2.12 -11.38 -21.02
C2 LCY P . -3.16 -10.79 -20.09
C3 LCY P . -4.46 -11.44 -20.57
O2 LCY P . -5.56 -11.23 -20.07
N1 LCY P . -4.25 -12.27 -21.60
C4 LCY P . -2.95 -12.30 -21.92
O1 LCY P . -2.47 -12.98 -22.83
C5 LCY P . -5.30 -13.06 -22.29
ZN ZN Q . 22.83 10.54 -18.02
#